data_3UQG
#
_entry.id   3UQG
#
_cell.length_a   42.540
_cell.length_b   63.720
_cell.length_c   74.980
_cell.angle_alpha   78.170
_cell.angle_beta   89.340
_cell.angle_gamma   90.080
#
_symmetry.space_group_name_H-M   'P 1'
#
loop_
_entity.id
_entity.type
_entity.pdbx_description
1 polymer 'Proto-oncogene tyrosine-protein kinase Src'
2 non-polymer 1-(piperidin-4-ylmethyl)-1H-pyrazolo[3,4-d]pyrimidin-4-amine
3 water water
#
_entity_poly.entity_id   1
_entity_poly.type   'polypeptide(L)'
_entity_poly.pdbx_seq_one_letter_code
;GHMQTQGLAKDAWEIPRESLRLEVKLGQGCFGEVWMGTWNGTTRVAIKTLKPGTMSPEAFLQEAQVMKKLRHEKLVQLYA
VVSEEPIYIVTEYMSKGSLLDFLKGEMGKYLRLPQLVDMAAQIASGMAYVERMNYVHRDLRAANILVGENLVCKVADFGL
ARLIEDNEYTARQGAKFPIKWTAPEAALYGRFTIKSDVWSFGILLTELTTKGRVPYPGMVNREVLDQVERGYRMPCPPEC
PESLHDLMCQCWRKDPEERPTFEYLQAFLEDYFTSTEPQYQPGENL
;
_entity_poly.pdbx_strand_id   A,B
#
loop_
_chem_comp.id
_chem_comp.type
_chem_comp.name
_chem_comp.formula
B5A non-polymer 1-(piperidin-4-ylmethyl)-1H-pyrazolo[3,4-d]pyrimidin-4-amine 'C11 H16 N6'
#
# COMPACT_ATOMS: atom_id res chain seq x y z
N ASP A 11 17.40 -26.77 -29.09
CA ASP A 11 16.81 -27.29 -27.83
C ASP A 11 15.60 -28.18 -28.10
N ALA A 12 15.50 -29.27 -27.33
CA ALA A 12 14.27 -30.05 -27.23
C ALA A 12 13.16 -29.30 -26.47
N TRP A 13 13.48 -28.12 -25.95
CA TRP A 13 12.50 -27.25 -25.30
C TRP A 13 11.50 -26.61 -26.25
N GLU A 14 11.84 -26.61 -27.53
CA GLU A 14 11.03 -25.96 -28.57
C GLU A 14 9.66 -26.58 -28.82
N ILE A 15 8.63 -25.74 -28.91
CA ILE A 15 7.26 -26.19 -29.27
C ILE A 15 6.68 -25.35 -30.43
N PRO A 16 5.64 -25.88 -31.12
CA PRO A 16 5.02 -25.11 -32.19
C PRO A 16 4.02 -24.07 -31.67
N ARG A 17 3.91 -22.95 -32.38
CA ARG A 17 3.06 -21.83 -31.99
C ARG A 17 1.58 -22.20 -31.87
N GLU A 18 1.11 -23.14 -32.69
CA GLU A 18 -0.30 -23.57 -32.63
C GLU A 18 -0.70 -24.13 -31.29
N SER A 19 0.28 -24.73 -30.60
CA SER A 19 0.02 -25.42 -29.32
C SER A 19 -0.19 -24.47 -28.13
N LEU A 20 0.14 -23.18 -28.31
CA LEU A 20 -0.08 -22.16 -27.27
C LEU A 20 -1.32 -21.30 -27.54
N ARG A 21 -2.26 -21.29 -26.60
CA ARG A 21 -3.41 -20.38 -26.61
C ARG A 21 -3.26 -19.41 -25.46
N LEU A 22 -3.09 -18.12 -25.76
CA LEU A 22 -3.02 -17.07 -24.74
C LEU A 22 -4.42 -16.60 -24.41
N GLU A 23 -4.82 -16.73 -23.14
CA GLU A 23 -6.22 -16.51 -22.74
C GLU A 23 -6.45 -15.18 -21.99
N VAL A 24 -5.92 -15.07 -20.77
CA VAL A 24 -6.11 -13.91 -19.92
C VAL A 24 -4.77 -13.21 -19.65
N LYS A 25 -4.74 -11.89 -19.87
CA LYS A 25 -3.55 -11.09 -19.60
C LYS A 25 -3.36 -10.91 -18.09
N LEU A 26 -2.11 -10.97 -17.63
CA LEU A 26 -1.77 -10.88 -16.21
C LEU A 26 -0.79 -9.75 -15.85
N GLY A 27 -0.15 -9.13 -16.85
CA GLY A 27 0.83 -8.07 -16.58
C GLY A 27 1.37 -7.41 -17.84
N GLN A 28 2.01 -6.26 -17.66
CA GLN A 28 2.64 -5.50 -18.74
C GLN A 28 4.11 -5.22 -18.36
N GLY A 29 4.81 -4.43 -19.17
CA GLY A 29 6.17 -4.01 -18.83
C GLY A 29 6.93 -3.39 -19.99
N CYS A 30 8.24 -3.23 -19.80
CA CYS A 30 9.15 -2.86 -20.89
C CYS A 30 9.73 -4.12 -21.53
N PHE A 31 9.85 -5.17 -20.72
CA PHE A 31 10.18 -6.52 -21.22
C PHE A 31 9.13 -7.03 -22.23
N GLY A 32 7.85 -6.86 -21.89
CA GLY A 32 6.73 -7.31 -22.72
C GLY A 32 5.44 -7.46 -21.92
N GLU A 33 4.97 -8.70 -21.77
CA GLU A 33 3.75 -8.98 -20.99
C GLU A 33 3.62 -10.46 -20.63
N VAL A 34 2.80 -10.79 -19.64
CA VAL A 34 2.63 -12.17 -19.19
C VAL A 34 1.16 -12.59 -19.22
N TRP A 35 0.88 -13.78 -19.75
CA TRP A 35 -0.49 -14.27 -19.91
C TRP A 35 -0.69 -15.60 -19.24
N MET A 36 -1.93 -15.88 -18.85
CA MET A 36 -2.36 -17.24 -18.51
C MET A 36 -2.89 -17.86 -19.78
N GLY A 37 -2.66 -19.16 -19.94
CA GLY A 37 -3.10 -19.83 -21.15
C GLY A 37 -3.10 -21.35 -21.07
N THR A 38 -3.26 -21.97 -22.24
CA THR A 38 -3.24 -23.42 -22.36
C THR A 38 -2.14 -23.87 -23.31
N TRP A 39 -1.52 -24.99 -22.97
CA TRP A 39 -0.50 -25.64 -23.80
C TRP A 39 -0.98 -27.00 -24.22
N ASN A 40 -1.05 -27.23 -25.53
CA ASN A 40 -1.60 -28.48 -26.12
C ASN A 40 -3.09 -28.70 -25.83
N GLY A 41 -3.81 -27.64 -25.50
CA GLY A 41 -5.24 -27.72 -25.19
C GLY A 41 -5.55 -28.57 -23.96
N THR A 42 -4.62 -28.66 -23.02
CA THR A 42 -4.77 -29.52 -21.84
C THR A 42 -4.11 -28.95 -20.59
N THR A 43 -2.87 -28.49 -20.72
CA THR A 43 -2.05 -28.03 -19.60
C THR A 43 -2.14 -26.52 -19.40
N ARG A 44 -2.59 -26.09 -18.23
CA ARG A 44 -2.64 -24.66 -17.92
C ARG A 44 -1.21 -24.15 -17.75
N VAL A 45 -0.93 -22.93 -18.23
CA VAL A 45 0.44 -22.42 -18.29
C VAL A 45 0.51 -20.89 -18.17
N ALA A 46 1.66 -20.40 -17.70
CA ALA A 46 2.04 -18.99 -17.77
C ALA A 46 2.90 -18.78 -19.00
N ILE A 47 2.59 -17.75 -19.80
CA ILE A 47 3.29 -17.47 -21.06
C ILE A 47 3.84 -16.05 -21.02
N LYS A 48 5.16 -15.89 -21.21
CA LYS A 48 5.82 -14.57 -21.24
C LYS A 48 6.17 -14.13 -22.66
N THR A 49 5.74 -12.92 -23.02
CA THR A 49 5.97 -12.35 -24.35
C THR A 49 7.10 -11.32 -24.31
N LEU A 50 7.94 -11.33 -25.33
CA LEU A 50 8.88 -10.23 -25.59
C LEU A 50 8.29 -9.39 -26.71
N LYS A 51 8.42 -8.06 -26.61
CA LYS A 51 8.20 -7.18 -27.75
C LYS A 51 9.45 -7.24 -28.63
N PRO A 52 9.32 -7.66 -29.90
CA PRO A 52 10.52 -7.85 -30.72
C PRO A 52 11.41 -6.61 -30.84
N GLY A 53 10.84 -5.42 -30.72
CA GLY A 53 11.57 -4.15 -30.83
C GLY A 53 12.32 -3.64 -29.60
N THR A 54 11.66 -3.63 -28.44
CA THR A 54 12.18 -2.92 -27.26
C THR A 54 13.45 -3.51 -26.63
N MET A 55 13.51 -4.84 -26.50
CA MET A 55 14.67 -5.51 -25.89
C MET A 55 15.42 -6.41 -26.86
N SER A 56 16.68 -6.70 -26.52
CA SER A 56 17.47 -7.70 -27.22
C SER A 56 16.82 -9.07 -27.15
N PRO A 57 16.86 -9.82 -28.28
CA PRO A 57 16.37 -11.19 -28.23
C PRO A 57 17.24 -12.08 -27.34
N GLU A 58 18.55 -11.95 -27.44
CA GLU A 58 19.47 -12.72 -26.60
C GLU A 58 19.37 -12.38 -25.12
N ALA A 59 19.03 -11.12 -24.80
CA ALA A 59 18.89 -10.66 -23.41
C ALA A 59 17.64 -11.21 -22.72
N PHE A 60 16.54 -11.28 -23.47
CA PHE A 60 15.27 -11.84 -23.00
C PHE A 60 15.35 -13.37 -22.82
N LEU A 61 16.11 -14.01 -23.71
CA LEU A 61 16.24 -15.46 -23.72
C LEU A 61 17.14 -15.97 -22.59
N GLN A 62 17.91 -15.08 -21.94
CA GLN A 62 18.85 -15.48 -20.86
C GLN A 62 18.14 -16.01 -19.61
N GLU A 63 16.97 -15.47 -19.28
CA GLU A 63 16.17 -15.99 -18.16
C GLU A 63 15.82 -17.47 -18.42
N ALA A 64 15.46 -17.79 -19.66
CA ALA A 64 15.18 -19.17 -20.06
C ALA A 64 16.43 -20.06 -20.09
N GLN A 65 17.57 -19.49 -20.50
CA GLN A 65 18.85 -20.23 -20.55
C GLN A 65 19.25 -20.83 -19.21
N VAL A 66 19.13 -20.02 -18.16
CA VAL A 66 19.40 -20.44 -16.79
C VAL A 66 18.32 -21.41 -16.30
N MET A 67 17.06 -21.15 -16.66
CA MET A 67 15.93 -22.01 -16.27
C MET A 67 16.02 -23.43 -16.83
N LYS A 68 16.72 -23.60 -17.95
CA LYS A 68 16.96 -24.93 -18.55
C LYS A 68 17.83 -25.85 -17.67
N LYS A 69 18.80 -25.28 -16.96
CA LYS A 69 19.72 -26.05 -16.11
C LYS A 69 19.13 -26.40 -14.74
N LEU A 70 18.29 -25.52 -14.20
CA LEU A 70 17.78 -25.64 -12.83
C LEU A 70 16.41 -26.33 -12.78
N ARG A 71 16.30 -27.39 -11.96
CA ARG A 71 15.04 -28.10 -11.77
C ARG A 71 14.86 -28.48 -10.29
N HIS A 72 13.77 -28.01 -9.68
CA HIS A 72 13.48 -28.23 -8.28
C HIS A 72 12.06 -27.86 -8.00
N GLU A 73 11.44 -28.55 -7.05
CA GLU A 73 10.00 -28.39 -6.84
C GLU A 73 9.57 -27.02 -6.29
N LYS A 74 10.52 -26.27 -5.73
CA LYS A 74 10.29 -24.92 -5.22
C LYS A 74 10.94 -23.83 -6.10
N LEU A 75 11.28 -24.20 -7.34
CA LEU A 75 11.62 -23.22 -8.38
C LEU A 75 10.57 -23.36 -9.46
N VAL A 76 10.01 -22.23 -9.88
CA VAL A 76 9.06 -22.19 -10.99
C VAL A 76 9.68 -22.88 -12.22
N GLN A 77 8.97 -23.86 -12.75
CA GLN A 77 9.50 -24.78 -13.75
C GLN A 77 9.24 -24.29 -15.19
N LEU A 78 10.28 -24.26 -16.01
CA LEU A 78 10.14 -24.02 -17.45
C LEU A 78 9.45 -25.23 -18.09
N TYR A 79 8.54 -25.00 -19.02
CA TYR A 79 7.93 -26.09 -19.81
C TYR A 79 8.37 -26.10 -21.26
N ALA A 80 8.57 -24.92 -21.85
CA ALA A 80 8.76 -24.83 -23.29
C ALA A 80 9.17 -23.43 -23.72
N VAL A 81 9.79 -23.34 -24.90
CA VAL A 81 10.14 -22.04 -25.48
C VAL A 81 9.74 -21.97 -26.97
N VAL A 82 9.49 -20.76 -27.44
CA VAL A 82 9.46 -20.47 -28.87
C VAL A 82 10.60 -19.47 -29.08
N SER A 83 11.66 -19.91 -29.75
CA SER A 83 12.95 -19.21 -29.73
C SER A 83 13.06 -18.10 -30.77
N GLU A 84 12.34 -18.24 -31.88
CA GLU A 84 12.33 -17.24 -32.95
C GLU A 84 11.36 -16.10 -32.63
N GLU A 85 11.72 -14.89 -33.08
CA GLU A 85 10.85 -13.70 -32.94
C GLU A 85 9.51 -13.94 -33.62
N PRO A 86 8.37 -13.64 -32.94
CA PRO A 86 8.22 -13.18 -31.56
C PRO A 86 8.45 -14.30 -30.55
N ILE A 87 9.17 -13.99 -29.48
CA ILE A 87 9.58 -14.99 -28.50
C ILE A 87 8.44 -15.26 -27.49
N TYR A 88 8.34 -16.51 -27.04
CA TYR A 88 7.43 -16.91 -25.97
C TYR A 88 8.16 -17.83 -25.00
N ILE A 89 7.93 -17.65 -23.70
CA ILE A 89 8.49 -18.54 -22.67
C ILE A 89 7.36 -19.13 -21.84
N VAL A 90 7.22 -20.46 -21.88
CA VAL A 90 6.15 -21.15 -21.18
C VAL A 90 6.65 -21.76 -19.86
N THR A 91 5.94 -21.51 -18.77
CA THR A 91 6.31 -22.01 -17.45
C THR A 91 5.06 -22.52 -16.72
N GLU A 92 5.24 -23.13 -15.56
CA GLU A 92 4.12 -23.62 -14.78
C GLU A 92 3.29 -22.43 -14.26
N TYR A 93 1.98 -22.61 -14.15
CA TYR A 93 1.07 -21.53 -13.76
C TYR A 93 0.90 -21.52 -12.26
N MET A 94 1.18 -20.37 -11.65
CA MET A 94 1.07 -20.22 -10.20
C MET A 94 -0.20 -19.42 -9.91
N SER A 95 -1.22 -20.11 -9.42
CA SER A 95 -2.59 -19.57 -9.40
C SER A 95 -2.84 -18.36 -8.53
N LYS A 96 -1.94 -18.06 -7.60
CA LYS A 96 -2.26 -17.02 -6.61
C LYS A 96 -1.41 -15.76 -6.72
N GLY A 97 -0.63 -15.63 -7.78
CA GLY A 97 0.15 -14.43 -8.03
C GLY A 97 1.36 -14.34 -7.13
N SER A 98 1.94 -13.16 -7.07
CA SER A 98 3.14 -12.96 -6.27
C SER A 98 2.81 -13.06 -4.80
N LEU A 99 3.82 -13.43 -4.00
CA LEU A 99 3.70 -13.50 -2.54
C LEU A 99 3.35 -12.13 -1.95
N LEU A 100 3.90 -11.07 -2.53
CA LEU A 100 3.57 -9.70 -2.10
C LEU A 100 2.07 -9.42 -2.23
N ASP A 101 1.49 -9.70 -3.38
CA ASP A 101 0.05 -9.48 -3.56
C ASP A 101 -0.78 -10.36 -2.63
N PHE A 102 -0.34 -11.60 -2.44
CA PHE A 102 -0.99 -12.53 -1.51
C PHE A 102 -0.99 -12.01 -0.08
N LEU A 103 0.17 -11.58 0.44
CA LEU A 103 0.23 -11.06 1.82
C LEU A 103 -0.60 -9.78 2.01
N LYS A 104 -0.60 -8.89 1.03
CA LYS A 104 -1.30 -7.60 1.14
C LYS A 104 -2.80 -7.73 0.93
N GLY A 105 -3.23 -8.81 0.26
CA GLY A 105 -4.63 -9.01 -0.13
C GLY A 105 -5.56 -9.67 0.87
N GLU A 106 -6.76 -10.02 0.39
CA GLU A 106 -7.81 -10.62 1.22
C GLU A 106 -7.32 -11.80 2.06
N MET A 107 -6.46 -12.63 1.50
CA MET A 107 -5.89 -13.76 2.23
C MET A 107 -5.01 -13.40 3.41
N GLY A 108 -4.23 -12.32 3.29
CA GLY A 108 -3.29 -11.92 4.35
C GLY A 108 -3.86 -11.90 5.76
N LYS A 109 -5.12 -11.48 5.88
CA LYS A 109 -5.84 -11.33 7.15
C LYS A 109 -5.80 -12.60 8.01
N TYR A 110 -5.82 -13.75 7.36
CA TYR A 110 -5.96 -15.01 8.05
C TYR A 110 -4.67 -15.79 8.23
N LEU A 111 -3.60 -15.40 7.53
CA LEU A 111 -2.29 -16.00 7.69
C LEU A 111 -1.74 -15.71 9.10
N ARG A 112 -1.33 -16.76 9.82
CA ARG A 112 -0.70 -16.59 11.12
C ARG A 112 0.72 -17.13 11.04
N LEU A 113 1.45 -17.12 12.16
CA LEU A 113 2.89 -17.46 12.08
C LEU A 113 3.17 -18.86 11.48
N PRO A 114 2.39 -19.89 11.86
CA PRO A 114 2.67 -21.25 11.32
C PRO A 114 2.61 -21.35 9.79
N GLN A 115 1.71 -20.63 9.15
CA GLN A 115 1.66 -20.68 7.67
C GLN A 115 2.79 -19.84 7.09
N LEU A 116 3.12 -18.73 7.76
CA LEU A 116 4.16 -17.81 7.27
C LEU A 116 5.56 -18.43 7.35
N VAL A 117 5.84 -19.13 8.43
CA VAL A 117 7.11 -19.82 8.59
C VAL A 117 7.25 -21.03 7.65
N ASP A 118 6.16 -21.74 7.40
CA ASP A 118 6.13 -22.79 6.36
C ASP A 118 6.47 -22.24 4.97
N MET A 119 5.84 -21.11 4.61
CA MET A 119 6.17 -20.44 3.37
C MET A 119 7.66 -20.09 3.33
N ALA A 120 8.18 -19.57 4.42
CA ALA A 120 9.60 -19.26 4.54
C ALA A 120 10.45 -20.51 4.30
N ALA A 121 10.04 -21.62 4.90
CA ALA A 121 10.77 -22.88 4.76
C ALA A 121 10.81 -23.34 3.30
N GLN A 122 9.69 -23.22 2.60
CA GLN A 122 9.67 -23.61 1.18
C GLN A 122 10.60 -22.77 0.34
N ILE A 123 10.59 -21.45 0.52
CA ILE A 123 11.44 -20.55 -0.26
C ILE A 123 12.92 -20.83 0.09
N ALA A 124 13.20 -21.06 1.36
CA ALA A 124 14.52 -21.53 1.80
C ALA A 124 14.98 -22.81 1.09
N SER A 125 14.05 -23.75 0.85
CA SER A 125 14.40 -25.01 0.17
C SER A 125 14.82 -24.75 -1.28
N GLY A 126 14.04 -23.90 -1.96
CA GLY A 126 14.37 -23.50 -3.32
C GLY A 126 15.74 -22.87 -3.40
N MET A 127 16.01 -21.94 -2.50
CA MET A 127 17.29 -21.25 -2.47
C MET A 127 18.44 -22.17 -2.04
N ALA A 128 18.14 -23.21 -1.24
CA ALA A 128 19.16 -24.20 -0.86
C ALA A 128 19.63 -24.94 -2.10
N TYR A 129 18.69 -25.21 -3.00
CA TYR A 129 19.02 -25.83 -4.28
C TYR A 129 19.90 -24.92 -5.12
N VAL A 130 19.54 -23.63 -5.18
CA VAL A 130 20.32 -22.63 -5.89
C VAL A 130 21.74 -22.53 -5.30
N GLU A 131 21.82 -22.62 -3.97
CA GLU A 131 23.08 -22.70 -3.24
C GLU A 131 23.91 -23.91 -3.66
N ARG A 132 23.31 -25.10 -3.63
CA ARG A 132 24.00 -26.36 -3.99
C ARG A 132 24.55 -26.35 -5.42
N MET A 133 23.86 -25.65 -6.32
CA MET A 133 24.23 -25.56 -7.74
C MET A 133 25.19 -24.42 -8.05
N ASN A 134 25.57 -23.66 -7.03
CA ASN A 134 26.48 -22.52 -7.18
C ASN A 134 25.91 -21.41 -8.09
N TYR A 135 24.63 -21.15 -7.95
CA TYR A 135 24.01 -20.01 -8.61
C TYR A 135 23.72 -18.94 -7.56
N VAL A 136 23.51 -17.72 -8.04
CA VAL A 136 23.13 -16.58 -7.21
C VAL A 136 21.85 -16.05 -7.85
N HIS A 137 20.91 -15.56 -7.04
CA HIS A 137 19.65 -15.10 -7.58
C HIS A 137 19.71 -13.62 -7.83
N ARG A 138 20.08 -12.87 -6.78
CA ARG A 138 20.37 -11.42 -6.85
C ARG A 138 19.15 -10.51 -6.77
N ASP A 139 17.96 -11.08 -6.68
CA ASP A 139 16.74 -10.29 -6.57
C ASP A 139 15.67 -11.05 -5.79
N LEU A 140 16.10 -11.69 -4.71
CA LEU A 140 15.20 -12.38 -3.84
C LEU A 140 14.39 -11.40 -3.00
N ARG A 141 13.08 -11.46 -3.18
CA ARG A 141 12.14 -10.64 -2.44
C ARG A 141 10.71 -11.15 -2.71
N ALA A 142 9.76 -10.72 -1.88
CA ALA A 142 8.39 -11.26 -1.98
C ALA A 142 7.75 -11.02 -3.34
N ALA A 143 8.11 -9.95 -4.03
CA ALA A 143 7.56 -9.66 -5.38
C ALA A 143 8.00 -10.71 -6.44
N ASN A 144 9.05 -11.46 -6.14
CA ASN A 144 9.60 -12.47 -7.07
C ASN A 144 9.41 -13.89 -6.57
N ILE A 145 8.54 -14.05 -5.57
CA ILE A 145 8.09 -15.36 -5.18
C ILE A 145 6.65 -15.51 -5.61
N LEU A 146 6.30 -16.69 -6.16
CA LEU A 146 4.94 -16.97 -6.62
C LEU A 146 4.27 -18.02 -5.73
N VAL A 147 2.96 -17.89 -5.55
CA VAL A 147 2.18 -18.77 -4.69
C VAL A 147 1.17 -19.57 -5.51
N GLY A 148 1.10 -20.87 -5.26
CA GLY A 148 0.14 -21.75 -5.94
C GLY A 148 -0.98 -22.24 -5.03
N GLU A 149 -1.62 -23.34 -5.42
CA GLU A 149 -2.68 -23.92 -4.60
C GLU A 149 -2.00 -24.44 -3.31
N ASN A 150 -2.75 -24.49 -2.22
CA ASN A 150 -2.33 -25.12 -0.97
C ASN A 150 -1.08 -24.46 -0.34
N LEU A 151 -0.95 -23.14 -0.54
CA LEU A 151 0.13 -22.33 0.03
C LEU A 151 1.54 -22.63 -0.52
N VAL A 152 1.65 -23.36 -1.63
CA VAL A 152 2.96 -23.65 -2.21
C VAL A 152 3.64 -22.34 -2.64
N CYS A 153 4.86 -22.10 -2.19
CA CYS A 153 5.66 -20.96 -2.62
C CYS A 153 6.86 -21.41 -3.43
N LYS A 154 7.12 -20.70 -4.52
CA LYS A 154 8.23 -21.04 -5.41
C LYS A 154 9.01 -19.80 -5.83
N VAL A 155 10.34 -19.93 -5.89
CA VAL A 155 11.21 -18.86 -6.35
C VAL A 155 11.02 -18.66 -7.86
N ALA A 156 10.91 -17.41 -8.28
CA ALA A 156 10.73 -17.06 -9.68
C ALA A 156 11.71 -15.97 -10.08
N ASP A 157 11.73 -15.73 -11.39
CA ASP A 157 12.44 -14.60 -12.01
C ASP A 157 13.94 -14.66 -11.84
N PHE A 158 14.58 -15.42 -12.73
CA PHE A 158 16.04 -15.52 -12.80
C PHE A 158 16.60 -14.65 -13.92
N GLY A 159 15.95 -13.50 -14.18
CA GLY A 159 16.41 -12.57 -15.22
C GLY A 159 17.80 -12.00 -14.92
N LEU A 160 18.17 -11.95 -13.63
CA LEU A 160 19.48 -11.47 -13.18
C LEU A 160 20.42 -12.59 -12.69
N ALA A 161 19.91 -13.81 -12.52
CA ALA A 161 20.66 -14.91 -11.86
C ALA A 161 21.87 -15.45 -12.66
N ARG A 162 23.09 -15.25 -12.12
CA ARG A 162 24.34 -15.77 -12.73
C ARG A 162 24.92 -16.98 -11.99
N LEU A 163 25.94 -17.58 -12.61
CA LEU A 163 26.60 -18.82 -12.14
C LEU A 163 27.96 -18.56 -11.44
N ILE A 164 28.08 -17.42 -10.74
CA ILE A 164 29.18 -17.19 -9.78
C ILE A 164 28.71 -16.32 -8.61
N PRO A 178 16.80 -1.60 -6.04
CA PRO A 178 16.19 -2.56 -5.15
C PRO A 178 16.99 -2.59 -3.86
N ILE A 179 17.46 -1.41 -3.44
CA ILE A 179 18.41 -1.24 -2.35
C ILE A 179 17.95 -1.75 -0.97
N LYS A 180 16.63 -1.77 -0.72
CA LYS A 180 16.13 -2.18 0.60
C LYS A 180 16.28 -3.70 0.78
N TRP A 181 16.36 -4.43 -0.32
CA TRP A 181 16.55 -5.88 -0.29
C TRP A 181 17.96 -6.36 -0.54
N THR A 182 18.87 -5.42 -0.85
CA THR A 182 20.20 -5.74 -1.31
C THR A 182 21.20 -5.55 -0.20
N ALA A 183 22.11 -6.51 -0.04
CA ALA A 183 23.15 -6.43 0.96
C ALA A 183 24.11 -5.29 0.58
N PRO A 184 24.68 -4.62 1.58
CA PRO A 184 25.53 -3.46 1.31
C PRO A 184 26.70 -3.78 0.40
N GLU A 185 27.39 -4.88 0.66
CA GLU A 185 28.55 -5.22 -0.15
C GLU A 185 28.18 -5.37 -1.63
N ALA A 186 26.95 -5.79 -1.90
CA ALA A 186 26.42 -5.90 -3.27
C ALA A 186 26.07 -4.52 -3.84
N ALA A 187 25.29 -3.73 -3.10
CA ALA A 187 24.84 -2.42 -3.55
C ALA A 187 26.01 -1.47 -3.76
N LEU A 188 27.04 -1.59 -2.92
CA LEU A 188 28.17 -0.66 -2.94
C LEU A 188 29.29 -1.07 -3.90
N TYR A 189 29.72 -2.32 -3.78
CA TYR A 189 30.90 -2.79 -4.50
C TYR A 189 30.61 -3.85 -5.56
N GLY A 190 29.35 -4.23 -5.73
CA GLY A 190 28.97 -5.20 -6.74
C GLY A 190 29.28 -6.64 -6.39
N ARG A 191 29.56 -6.90 -5.10
CA ARG A 191 29.86 -8.26 -4.63
CA ARG A 191 29.87 -8.28 -4.65
C ARG A 191 28.58 -9.07 -4.39
N PHE A 192 28.01 -9.61 -5.47
CA PHE A 192 26.80 -10.45 -5.37
C PHE A 192 27.19 -11.91 -5.20
N THR A 193 26.68 -12.55 -4.15
CA THR A 193 27.01 -13.94 -3.83
C THR A 193 25.77 -14.59 -3.27
N ILE A 194 25.84 -15.88 -2.99
CA ILE A 194 24.74 -16.55 -2.31
C ILE A 194 24.51 -15.93 -0.92
N LYS A 195 25.57 -15.33 -0.33
CA LYS A 195 25.44 -14.67 0.95
C LYS A 195 24.70 -13.33 0.85
N SER A 196 24.79 -12.62 -0.27
CA SER A 196 23.93 -11.45 -0.46
C SER A 196 22.46 -11.87 -0.68
N ASP A 197 22.24 -13.03 -1.31
CA ASP A 197 20.89 -13.60 -1.35
C ASP A 197 20.37 -13.88 0.07
N VAL A 198 21.24 -14.36 0.98
CA VAL A 198 20.82 -14.67 2.36
C VAL A 198 20.36 -13.39 3.07
N TRP A 199 21.04 -12.28 2.80
CA TRP A 199 20.60 -10.97 3.29
C TRP A 199 19.20 -10.65 2.82
N SER A 200 18.96 -10.80 1.52
CA SER A 200 17.66 -10.52 0.95
C SER A 200 16.59 -11.40 1.65
N PHE A 201 16.97 -12.64 1.98
CA PHE A 201 16.07 -13.57 2.65
C PHE A 201 15.65 -13.05 4.02
N GLY A 202 16.61 -12.47 4.74
CA GLY A 202 16.28 -11.76 5.97
C GLY A 202 15.20 -10.68 5.77
N ILE A 203 15.37 -9.88 4.72
CA ILE A 203 14.41 -8.80 4.41
C ILE A 203 13.02 -9.44 4.08
N LEU A 204 13.07 -10.53 3.32
CA LEU A 204 11.87 -11.29 3.00
C LEU A 204 11.13 -11.80 4.28
N LEU A 205 11.88 -12.19 5.32
CA LEU A 205 11.25 -12.61 6.55
C LEU A 205 10.40 -11.48 7.17
N THR A 206 10.81 -10.22 6.99
CA THR A 206 10.03 -9.07 7.53
C THR A 206 8.77 -8.83 6.68
N GLU A 207 8.86 -9.02 5.36
CA GLU A 207 7.69 -8.93 4.49
C GLU A 207 6.62 -9.93 4.91
N LEU A 208 7.04 -11.15 5.23
CA LEU A 208 6.10 -12.17 5.67
C LEU A 208 5.46 -11.81 7.00
N THR A 209 6.29 -11.33 7.93
CA THR A 209 5.84 -11.13 9.30
C THR A 209 5.10 -9.79 9.48
N THR A 210 5.20 -8.88 8.50
CA THR A 210 4.43 -7.59 8.52
C THR A 210 3.30 -7.60 7.49
N LYS A 211 3.00 -8.77 6.91
CA LYS A 211 1.98 -8.90 5.89
C LYS A 211 2.29 -8.09 4.62
N GLY A 212 3.57 -7.98 4.27
CA GLY A 212 3.96 -7.41 2.99
C GLY A 212 4.27 -5.91 3.00
N ARG A 213 4.41 -5.30 4.18
CA ARG A 213 4.76 -3.88 4.24
C ARG A 213 6.15 -3.66 3.70
N VAL A 214 6.35 -2.52 3.05
CA VAL A 214 7.67 -2.15 2.52
C VAL A 214 8.64 -2.07 3.68
N PRO A 215 9.82 -2.69 3.57
CA PRO A 215 10.85 -2.58 4.62
C PRO A 215 11.42 -1.18 4.84
N TYR A 216 11.86 -0.92 6.07
CA TYR A 216 12.45 0.37 6.46
C TYR A 216 11.44 1.50 6.31
N PRO A 217 10.27 1.37 6.96
CA PRO A 217 9.16 2.32 6.71
C PRO A 217 9.56 3.74 7.05
N GLY A 218 9.16 4.66 6.19
CA GLY A 218 9.52 6.07 6.34
C GLY A 218 10.94 6.47 5.96
N MET A 219 11.75 5.53 5.45
CA MET A 219 13.12 5.83 5.03
C MET A 219 13.28 5.75 3.52
N VAL A 220 13.78 6.79 2.90
CA VAL A 220 14.12 6.75 1.49
C VAL A 220 15.39 5.91 1.28
N ASN A 221 15.73 5.64 0.02
CA ASN A 221 16.85 4.75 -0.30
C ASN A 221 18.20 5.29 0.17
N ARG A 222 18.46 6.57 -0.05
CA ARG A 222 19.74 7.18 0.34
C ARG A 222 19.97 7.08 1.84
N GLU A 223 18.87 7.14 2.59
CA GLU A 223 18.91 7.09 4.04
C GLU A 223 19.17 5.65 4.50
N VAL A 224 18.72 4.66 3.72
CA VAL A 224 18.84 3.23 4.08
C VAL A 224 20.28 2.71 3.96
N LEU A 225 20.97 3.06 2.87
CA LEU A 225 22.39 2.69 2.68
C LEU A 225 23.22 3.17 3.85
N ASP A 226 23.12 4.46 4.15
CA ASP A 226 23.81 5.11 5.30
C ASP A 226 23.62 4.36 6.61
N GLN A 227 22.36 4.13 6.96
CA GLN A 227 21.99 3.60 8.24
C GLN A 227 22.52 2.18 8.41
N VAL A 228 22.27 1.36 7.40
CA VAL A 228 22.69 -0.04 7.43
C VAL A 228 24.22 -0.18 7.51
N GLU A 229 24.95 0.73 6.88
CA GLU A 229 26.41 0.74 6.95
C GLU A 229 26.88 1.07 8.35
N ARG A 230 26.14 1.95 9.02
CA ARG A 230 26.46 2.36 10.38
C ARG A 230 25.94 1.36 11.43
N GLY A 231 25.37 0.24 11.00
CA GLY A 231 24.96 -0.81 11.94
C GLY A 231 23.46 -0.94 12.22
N TYR A 232 22.66 -0.02 11.69
CA TYR A 232 21.20 -0.08 11.85
C TYR A 232 20.58 -1.33 11.20
N ARG A 233 19.61 -1.92 11.91
CA ARG A 233 18.84 -3.07 11.45
C ARG A 233 17.39 -2.92 11.93
N MET A 234 16.44 -3.45 11.14
CA MET A 234 15.02 -3.37 11.53
C MET A 234 14.77 -4.03 12.89
N PRO A 235 13.85 -3.46 13.69
CA PRO A 235 13.51 -4.05 14.99
C PRO A 235 12.55 -5.19 14.84
N CYS A 236 12.31 -5.91 15.92
CA CYS A 236 11.39 -7.04 15.95
C CYS A 236 10.00 -6.55 15.54
N PRO A 237 9.45 -7.09 14.44
CA PRO A 237 8.06 -6.73 14.10
C PRO A 237 7.03 -7.10 15.18
N PRO A 238 5.95 -6.30 15.31
CA PRO A 238 4.91 -6.56 16.28
C PRO A 238 4.42 -8.01 16.28
N GLU A 239 4.41 -8.63 17.46
CA GLU A 239 3.96 -10.03 17.64
C GLU A 239 4.85 -11.12 16.99
N CYS A 240 6.01 -10.76 16.43
CA CYS A 240 6.91 -11.76 15.86
C CYS A 240 7.83 -12.28 16.95
N PRO A 241 8.01 -13.61 17.09
CA PRO A 241 8.88 -14.03 18.21
C PRO A 241 10.30 -13.49 18.06
N GLU A 242 10.96 -13.19 19.17
CA GLU A 242 12.33 -12.68 19.14
C GLU A 242 13.32 -13.69 18.50
N SER A 243 13.05 -14.99 18.63
CA SER A 243 13.88 -16.00 18.00
C SER A 243 13.85 -15.89 16.51
N LEU A 244 12.71 -15.46 15.92
CA LEU A 244 12.65 -15.25 14.46
C LEU A 244 13.34 -13.97 14.04
N HIS A 245 13.23 -12.90 14.85
CA HIS A 245 14.02 -11.70 14.61
C HIS A 245 15.51 -11.96 14.68
N ASP A 246 15.92 -12.78 15.64
CA ASP A 246 17.33 -13.15 15.73
C ASP A 246 17.85 -13.87 14.44
N LEU A 247 17.03 -14.69 13.81
CA LEU A 247 17.37 -15.29 12.52
C LEU A 247 17.55 -14.23 11.44
N MET A 248 16.66 -13.23 11.45
CA MET A 248 16.82 -12.10 10.55
C MET A 248 18.17 -11.42 10.75
N CYS A 249 18.52 -11.11 12.01
CA CYS A 249 19.79 -10.44 12.33
C CYS A 249 21.02 -11.28 11.92
N GLN A 250 20.90 -12.61 11.91
CA GLN A 250 21.97 -13.48 11.45
C GLN A 250 22.15 -13.32 9.94
N CYS A 251 21.03 -13.23 9.21
CA CYS A 251 21.05 -12.97 7.78
C CYS A 251 21.58 -11.58 7.45
N TRP A 252 21.55 -10.65 8.41
CA TRP A 252 22.04 -9.29 8.20
C TRP A 252 23.39 -8.96 8.80
N ARG A 253 24.20 -9.96 9.10
CA ARG A 253 25.54 -9.68 9.61
C ARG A 253 26.39 -8.96 8.56
N LYS A 254 27.04 -7.88 8.98
CA LYS A 254 27.88 -7.04 8.13
C LYS A 254 28.87 -7.87 7.33
N ASP A 255 29.46 -8.85 7.99
CA ASP A 255 30.42 -9.73 7.36
C ASP A 255 29.70 -10.85 6.60
N PRO A 256 29.82 -10.86 5.27
CA PRO A 256 28.96 -11.78 4.51
C PRO A 256 29.16 -13.25 4.87
N GLU A 257 30.39 -13.64 5.22
CA GLU A 257 30.73 -15.04 5.49
C GLU A 257 30.25 -15.52 6.86
N GLU A 258 29.75 -14.60 7.68
CA GLU A 258 29.20 -14.96 8.99
C GLU A 258 27.67 -15.09 8.91
N ARG A 259 27.11 -14.89 7.71
CA ARG A 259 25.68 -15.13 7.44
C ARG A 259 25.45 -16.64 7.24
N PRO A 260 24.32 -17.16 7.75
CA PRO A 260 24.06 -18.61 7.62
C PRO A 260 23.75 -19.03 6.19
N THR A 261 23.85 -20.34 5.95
CA THR A 261 23.53 -20.93 4.67
C THR A 261 22.02 -21.15 4.51
N PHE A 262 21.60 -21.34 3.27
CA PHE A 262 20.19 -21.67 3.01
C PHE A 262 19.83 -23.07 3.54
N GLU A 263 20.74 -24.03 3.42
CA GLU A 263 20.60 -25.32 4.11
C GLU A 263 20.32 -25.19 5.62
N TYR A 264 21.12 -24.39 6.35
CA TYR A 264 20.82 -24.08 7.75
C TYR A 264 19.42 -23.42 7.95
N LEU A 265 19.10 -22.40 7.18
CA LEU A 265 17.79 -21.68 7.29
C LEU A 265 16.58 -22.59 7.03
N GLN A 266 16.67 -23.38 5.97
CA GLN A 266 15.64 -24.38 5.67
C GLN A 266 15.31 -25.25 6.88
N ALA A 267 16.33 -25.87 7.46
CA ALA A 267 16.20 -26.80 8.60
C ALA A 267 15.60 -26.12 9.86
N PHE A 268 16.05 -24.90 10.13
CA PHE A 268 15.62 -24.12 11.30
C PHE A 268 14.15 -23.77 11.19
N LEU A 269 13.77 -23.37 9.99
CA LEU A 269 12.39 -22.98 9.71
C LEU A 269 11.49 -24.20 9.69
N GLU A 270 11.93 -25.26 9.04
CA GLU A 270 11.22 -26.54 9.03
C GLU A 270 10.92 -27.03 10.46
N ASP A 271 11.92 -26.93 11.33
CA ASP A 271 11.83 -27.49 12.67
C ASP A 271 11.29 -26.46 13.72
N TYR A 272 10.89 -25.27 13.26
CA TYR A 272 10.75 -24.11 14.12
C TYR A 272 9.88 -24.33 15.33
N PHE A 273 8.69 -24.85 15.09
CA PHE A 273 7.69 -24.95 16.15
C PHE A 273 7.92 -26.08 17.13
N THR A 274 8.88 -26.96 16.87
CA THR A 274 9.23 -28.00 17.86
C THR A 274 10.50 -27.61 18.60
N SER A 275 11.54 -27.25 17.86
CA SER A 275 12.87 -27.04 18.41
C SER A 275 13.09 -25.65 19.03
N THR A 276 12.47 -24.60 18.47
CA THR A 276 12.83 -23.22 18.77
C THR A 276 11.74 -22.56 19.56
N GLU A 277 10.51 -22.69 19.10
CA GLU A 277 9.37 -22.05 19.74
C GLU A 277 8.23 -23.07 20.01
N PRO A 278 8.49 -24.06 20.89
CA PRO A 278 7.47 -25.06 21.25
C PRO A 278 6.28 -24.53 22.06
N GLN A 279 6.40 -23.35 22.65
CA GLN A 279 5.32 -22.79 23.49
C GLN A 279 4.47 -21.74 22.74
N TYR A 280 4.70 -21.59 21.43
CA TYR A 280 4.00 -20.60 20.60
C TYR A 280 2.48 -20.63 20.79
N GLN A 281 1.87 -19.45 20.93
CA GLN A 281 0.41 -19.31 21.00
C GLN A 281 -0.07 -18.29 19.97
N PRO A 282 -1.19 -18.58 19.27
CA PRO A 282 -1.79 -17.62 18.32
C PRO A 282 -2.18 -16.27 18.96
N GLY A 283 -2.00 -15.19 18.20
CA GLY A 283 -2.30 -13.80 18.64
C GLY A 283 -3.19 -13.13 17.61
N GLU A 284 -3.40 -11.82 17.73
CA GLU A 284 -4.33 -11.13 16.81
C GLU A 284 -3.89 -11.19 15.35
N ASN A 285 -2.59 -10.99 15.10
CA ASN A 285 -2.10 -10.93 13.72
C ASN A 285 -1.12 -12.02 13.35
N LEU A 286 -0.29 -12.45 14.30
CA LEU A 286 0.63 -13.54 14.07
C LEU A 286 0.40 -14.61 15.12
N ALA B 9 -22.36 25.27 33.82
CA ALA B 9 -21.27 24.46 34.44
C ALA B 9 -20.32 23.94 33.35
N LYS B 10 -19.35 24.77 32.98
CA LYS B 10 -18.44 24.48 31.86
C LYS B 10 -17.32 23.50 32.22
N ASP B 11 -16.71 22.90 31.20
CA ASP B 11 -15.57 21.98 31.42
C ASP B 11 -14.23 22.69 31.12
N ALA B 12 -13.13 21.96 31.23
CA ALA B 12 -11.79 22.55 31.15
C ALA B 12 -11.39 23.04 29.75
N TRP B 13 -12.23 22.79 28.75
CA TRP B 13 -12.05 23.39 27.41
C TRP B 13 -12.43 24.85 27.32
N GLU B 14 -13.22 25.35 28.28
CA GLU B 14 -13.72 26.72 28.28
C GLU B 14 -12.63 27.80 28.47
N ILE B 15 -12.66 28.85 27.64
CA ILE B 15 -11.76 30.01 27.78
C ILE B 15 -12.52 31.34 27.83
N PRO B 16 -11.87 32.41 28.34
CA PRO B 16 -12.51 33.72 28.35
C PRO B 16 -12.40 34.45 27.00
N ARG B 17 -13.41 35.27 26.68
CA ARG B 17 -13.47 36.01 25.42
C ARG B 17 -12.29 36.96 25.22
N GLU B 18 -11.79 37.55 26.31
CA GLU B 18 -10.68 38.51 26.24
C GLU B 18 -9.42 37.88 25.64
N SER B 19 -9.27 36.57 25.79
CA SER B 19 -8.09 35.86 25.29
C SER B 19 -8.10 35.62 23.77
N LEU B 20 -9.24 35.84 23.12
CA LEU B 20 -9.34 35.72 21.66
C LEU B 20 -9.35 37.10 20.96
N ARG B 21 -8.42 37.29 20.03
CA ARG B 21 -8.48 38.42 19.09
C ARG B 21 -8.75 37.86 17.70
N LEU B 22 -9.91 38.19 17.14
CA LEU B 22 -10.26 37.79 15.77
C LEU B 22 -9.69 38.83 14.81
N GLU B 23 -8.82 38.39 13.89
CA GLU B 23 -8.05 39.31 13.06
C GLU B 23 -8.54 39.41 11.61
N VAL B 24 -8.39 38.33 10.84
CA VAL B 24 -8.75 38.29 9.42
C VAL B 24 -9.87 37.28 9.18
N LYS B 25 -10.92 37.72 8.48
CA LYS B 25 -12.03 36.84 8.10
C LYS B 25 -11.57 35.89 6.98
N LEU B 26 -12.01 34.63 7.06
CA LEU B 26 -11.62 33.58 6.10
C LEU B 26 -12.80 32.90 5.38
N GLY B 27 -14.03 33.14 5.83
CA GLY B 27 -15.21 32.50 5.23
C GLY B 27 -16.52 32.99 5.82
N GLN B 28 -17.63 32.72 5.12
CA GLN B 28 -18.96 33.17 5.53
C GLN B 28 -19.97 32.04 5.44
N GLU B 33 -19.33 31.99 10.33
CA GLU B 33 -18.11 32.45 9.66
C GLU B 33 -16.85 31.93 10.37
N VAL B 34 -15.71 31.94 9.67
CA VAL B 34 -14.45 31.47 10.25
C VAL B 34 -13.37 32.54 10.14
N TRP B 35 -12.62 32.76 11.23
CA TRP B 35 -11.58 33.80 11.29
C TRP B 35 -10.24 33.24 11.64
N MET B 36 -9.18 33.92 11.19
CA MET B 36 -7.84 33.69 11.71
C MET B 36 -7.64 34.68 12.85
N GLY B 37 -6.91 34.26 13.87
CA GLY B 37 -6.71 35.12 15.03
C GLY B 37 -5.59 34.68 15.95
N THR B 38 -5.55 35.32 17.12
CA THR B 38 -4.57 35.01 18.16
C THR B 38 -5.27 34.61 19.46
N TRP B 39 -4.69 33.62 20.13
CA TRP B 39 -5.20 33.11 21.41
C TRP B 39 -4.16 33.36 22.47
N ASN B 40 -4.55 34.07 23.52
CA ASN B 40 -3.63 34.48 24.61
C ASN B 40 -2.51 35.43 24.15
N GLY B 41 -2.70 36.09 23.02
CA GLY B 41 -1.69 37.00 22.45
C GLY B 41 -0.38 36.32 22.08
N THR B 42 -0.43 35.06 21.69
CA THR B 42 0.79 34.31 21.33
C THR B 42 0.53 33.23 20.26
N THR B 43 -0.53 32.43 20.45
CA THR B 43 -0.80 31.28 19.59
C THR B 43 -1.74 31.65 18.42
N ARG B 44 -1.31 31.39 17.18
CA ARG B 44 -2.17 31.60 16.03
C ARG B 44 -3.26 30.53 16.01
N VAL B 45 -4.48 30.92 15.64
CA VAL B 45 -5.63 30.03 15.74
C VAL B 45 -6.71 30.31 14.69
N ALA B 46 -7.49 29.27 14.38
CA ALA B 46 -8.73 29.41 13.61
C ALA B 46 -9.89 29.48 14.60
N ILE B 47 -10.79 30.43 14.37
CA ILE B 47 -11.95 30.66 15.25
C ILE B 47 -13.24 30.55 14.43
N LYS B 48 -14.15 29.66 14.82
CA LYS B 48 -15.44 29.49 14.13
C LYS B 48 -16.61 30.11 14.91
N THR B 49 -17.42 30.93 14.23
CA THR B 49 -18.56 31.64 14.82
C THR B 49 -19.91 31.08 14.36
N LEU B 50 -20.91 31.09 15.26
CA LEU B 50 -22.31 30.82 14.90
C LEU B 50 -23.12 32.12 14.98
N LYS B 51 -24.07 32.29 14.06
CA LYS B 51 -24.83 33.56 13.98
C LYS B 51 -25.84 33.71 15.13
N SER B 56 -29.78 25.00 17.00
CA SER B 56 -28.72 25.82 16.45
C SER B 56 -27.59 26.04 17.48
N PRO B 57 -27.90 26.59 18.68
CA PRO B 57 -26.81 26.75 19.68
C PRO B 57 -26.28 25.41 20.23
N GLU B 58 -27.19 24.50 20.59
CA GLU B 58 -26.80 23.16 21.04
C GLU B 58 -26.25 22.35 19.84
N ALA B 59 -26.75 22.68 18.65
CA ALA B 59 -26.35 22.01 17.41
C ALA B 59 -24.95 22.43 16.96
N PHE B 60 -24.59 23.69 17.18
CA PHE B 60 -23.26 24.22 16.88
C PHE B 60 -22.20 23.69 17.85
N LEU B 61 -22.58 23.47 19.10
CA LEU B 61 -21.66 22.98 20.15
C LEU B 61 -21.30 21.48 19.98
N GLN B 62 -22.08 20.75 19.19
CA GLN B 62 -21.86 19.31 18.98
C GLN B 62 -20.57 18.98 18.21
N GLU B 63 -20.16 19.85 17.29
CA GLU B 63 -18.88 19.67 16.60
C GLU B 63 -17.72 19.66 17.58
N ALA B 64 -17.78 20.57 18.56
CA ALA B 64 -16.76 20.63 19.61
C ALA B 64 -16.85 19.43 20.57
N GLN B 65 -18.06 18.94 20.86
CA GLN B 65 -18.28 17.77 21.75
C GLN B 65 -17.54 16.52 21.29
N VAL B 66 -17.64 16.23 20.00
CA VAL B 66 -16.95 15.10 19.38
C VAL B 66 -15.45 15.36 19.27
N MET B 67 -15.08 16.60 18.97
CA MET B 67 -13.66 17.00 18.86
C MET B 67 -12.89 16.88 20.18
N LYS B 68 -13.58 16.97 21.31
CA LYS B 68 -12.97 16.78 22.64
C LYS B 68 -12.41 15.36 22.84
N LYS B 69 -13.10 14.36 22.31
CA LYS B 69 -12.70 12.97 22.52
C LYS B 69 -11.58 12.51 21.58
N LEU B 70 -11.56 13.07 20.37
CA LEU B 70 -10.64 12.63 19.30
C LEU B 70 -9.34 13.47 19.23
N ARG B 71 -8.18 12.80 19.27
CA ARG B 71 -6.88 13.46 19.17
C ARG B 71 -5.91 12.63 18.30
N HIS B 72 -5.40 13.24 17.22
CA HIS B 72 -4.54 12.57 16.26
C HIS B 72 -3.90 13.60 15.36
N GLU B 73 -2.70 13.31 14.89
CA GLU B 73 -1.91 14.31 14.16
C GLU B 73 -2.49 14.69 12.78
N LYS B 74 -3.37 13.85 12.25
CA LYS B 74 -4.04 14.10 10.98
C LYS B 74 -5.53 14.43 11.17
N LEU B 75 -5.91 14.82 12.38
CA LEU B 75 -7.21 15.45 12.64
C LEU B 75 -6.96 16.83 13.18
N VAL B 76 -7.65 17.82 12.62
CA VAL B 76 -7.56 19.20 13.08
C VAL B 76 -7.91 19.25 14.55
N GLN B 77 -7.02 19.85 15.34
CA GLN B 77 -7.06 19.76 16.79
C GLN B 77 -7.86 20.92 17.41
N LEU B 78 -8.80 20.58 18.28
CA LEU B 78 -9.51 21.58 19.09
C LEU B 78 -8.56 22.19 20.11
N TYR B 79 -8.65 23.49 20.34
CA TYR B 79 -7.90 24.13 21.44
C TYR B 79 -8.79 24.62 22.58
N ALA B 80 -10.00 25.07 22.27
CA ALA B 80 -10.86 25.72 23.28
C ALA B 80 -12.27 26.00 22.75
N VAL B 81 -13.23 26.20 23.65
CA VAL B 81 -14.58 26.63 23.29
C VAL B 81 -15.05 27.83 24.11
N VAL B 82 -15.94 28.64 23.54
CA VAL B 82 -16.72 29.62 24.30
C VAL B 82 -18.18 29.23 24.13
N SER B 83 -18.79 28.74 25.20
CA SER B 83 -20.05 28.00 25.11
C SER B 83 -21.30 28.88 25.12
N GLU B 84 -21.19 30.06 25.73
CA GLU B 84 -22.31 31.01 25.78
C GLU B 84 -22.40 31.84 24.50
N GLU B 85 -23.63 32.18 24.09
CA GLU B 85 -23.87 33.01 22.91
C GLU B 85 -23.22 34.39 23.08
N PRO B 86 -22.49 34.89 22.07
CA PRO B 86 -22.15 34.25 20.79
C PRO B 86 -21.09 33.16 20.95
N ILE B 87 -21.30 32.05 20.27
CA ILE B 87 -20.46 30.86 20.42
C ILE B 87 -19.17 30.99 19.58
N TYR B 88 -18.06 30.44 20.09
CA TYR B 88 -16.79 30.36 19.35
C TYR B 88 -16.18 28.97 19.53
N ILE B 89 -15.59 28.43 18.47
CA ILE B 89 -14.82 27.18 18.53
C ILE B 89 -13.39 27.45 18.04
N VAL B 90 -12.42 27.26 18.92
CA VAL B 90 -11.01 27.53 18.59
C VAL B 90 -10.27 26.23 18.23
N THR B 91 -9.56 26.25 17.10
CA THR B 91 -8.82 25.09 16.63
C THR B 91 -7.47 25.50 16.06
N GLU B 92 -6.63 24.52 15.71
CA GLU B 92 -5.33 24.81 15.12
C GLU B 92 -5.52 25.48 13.75
N TYR B 93 -4.60 26.37 13.39
CA TYR B 93 -4.70 27.12 12.14
C TYR B 93 -4.01 26.37 11.01
N MET B 94 -4.75 26.10 9.93
CA MET B 94 -4.22 25.39 8.77
C MET B 94 -3.95 26.38 7.66
N SER B 95 -2.67 26.66 7.43
CA SER B 95 -2.28 27.85 6.66
C SER B 95 -2.65 27.85 5.17
N LYS B 96 -3.04 26.72 4.58
CA LYS B 96 -3.31 26.71 3.11
C LYS B 96 -4.76 26.48 2.68
N GLY B 97 -5.69 26.53 3.61
CA GLY B 97 -7.12 26.39 3.28
C GLY B 97 -7.53 24.96 2.96
N SER B 98 -8.72 24.81 2.38
CA SER B 98 -9.25 23.49 2.12
C SER B 98 -8.47 22.83 1.01
N LEU B 99 -8.48 21.49 0.99
CA LEU B 99 -7.85 20.70 -0.07
C LEU B 99 -8.49 20.99 -1.43
N LEU B 100 -9.79 21.23 -1.44
CA LEU B 100 -10.48 21.59 -2.68
C LEU B 100 -9.92 22.89 -3.29
N ASP B 101 -9.80 23.94 -2.50
CA ASP B 101 -9.23 25.18 -3.01
C ASP B 101 -7.77 25.00 -3.45
N PHE B 102 -7.02 24.20 -2.69
CA PHE B 102 -5.63 23.91 -3.02
C PHE B 102 -5.51 23.20 -4.36
N LEU B 103 -6.29 22.13 -4.58
CA LEU B 103 -6.24 21.41 -5.88
C LEU B 103 -6.67 22.28 -7.07
N LYS B 104 -7.69 23.12 -6.87
CA LYS B 104 -8.24 23.94 -7.97
C LYS B 104 -7.38 25.15 -8.28
N GLY B 105 -6.56 25.58 -7.32
CA GLY B 105 -5.80 26.81 -7.41
C GLY B 105 -4.43 26.73 -8.08
N GLU B 106 -3.68 27.82 -7.97
CA GLU B 106 -2.34 27.95 -8.58
C GLU B 106 -1.43 26.76 -8.29
N MET B 107 -1.50 26.23 -7.07
CA MET B 107 -0.69 25.07 -6.69
C MET B 107 -1.02 23.78 -7.42
N GLY B 108 -2.29 23.56 -7.73
CA GLY B 108 -2.74 22.33 -8.41
C GLY B 108 -1.96 21.91 -9.64
N LYS B 109 -1.56 22.90 -10.43
CA LYS B 109 -0.81 22.73 -11.68
C LYS B 109 0.43 21.84 -11.53
N TYR B 110 1.06 21.92 -10.37
CA TYR B 110 2.34 21.27 -10.17
C TYR B 110 2.29 19.96 -9.39
N LEU B 111 1.15 19.70 -8.73
CA LEU B 111 0.96 18.43 -8.03
C LEU B 111 0.92 17.26 -9.02
N ARG B 112 1.72 16.24 -8.76
CA ARG B 112 1.71 15.03 -9.59
C ARG B 112 1.30 13.86 -8.72
N LEU B 113 1.30 12.65 -9.29
CA LEU B 113 0.74 11.51 -8.54
C LEU B 113 1.40 11.26 -7.17
N PRO B 114 2.75 11.34 -7.08
CA PRO B 114 3.42 11.06 -5.80
C PRO B 114 2.99 11.97 -4.64
N GLN B 115 2.72 13.24 -4.91
CA GLN B 115 2.25 14.14 -3.85
C GLN B 115 0.80 13.86 -3.54
N LEU B 116 0.03 13.54 -4.58
CA LEU B 116 -1.41 13.33 -4.42
C LEU B 116 -1.73 12.06 -3.63
N VAL B 117 -0.99 11.00 -3.90
CA VAL B 117 -1.15 9.77 -3.16
C VAL B 117 -0.68 9.89 -1.71
N ASP B 118 0.39 10.65 -1.47
CA ASP B 118 0.83 10.96 -0.11
C ASP B 118 -0.27 11.68 0.69
N MET B 119 -0.87 12.69 0.07
CA MET B 119 -1.99 13.38 0.67
C MET B 119 -3.12 12.39 1.00
N ALA B 120 -3.38 11.49 0.07
CA ALA B 120 -4.36 10.44 0.29
C ALA B 120 -4.00 9.58 1.51
N ALA B 121 -2.73 9.22 1.60
CA ALA B 121 -2.24 8.41 2.70
C ALA B 121 -2.45 9.11 4.05
N GLN B 122 -2.16 10.41 4.11
CA GLN B 122 -2.36 11.14 5.35
C GLN B 122 -3.81 11.16 5.78
N ILE B 123 -4.72 11.43 4.85
CA ILE B 123 -6.17 11.49 5.15
C ILE B 123 -6.63 10.10 5.59
N ALA B 124 -6.16 9.08 4.89
CA ALA B 124 -6.36 7.71 5.29
C ALA B 124 -5.93 7.43 6.74
N SER B 125 -4.81 7.98 7.17
CA SER B 125 -4.30 7.76 8.54
C SER B 125 -5.24 8.38 9.57
N GLY B 126 -5.69 9.60 9.29
CA GLY B 126 -6.68 10.25 10.13
C GLY B 126 -7.94 9.41 10.27
N MET B 127 -8.46 8.94 9.15
CA MET B 127 -9.68 8.14 9.14
C MET B 127 -9.48 6.75 9.77
N ALA B 128 -8.26 6.22 9.73
CA ALA B 128 -7.93 4.96 10.38
C ALA B 128 -8.08 5.12 11.89
N TYR B 129 -7.70 6.30 12.39
CA TYR B 129 -7.88 6.64 13.79
C TYR B 129 -9.38 6.70 14.13
N VAL B 130 -10.15 7.34 13.27
CA VAL B 130 -11.60 7.46 13.47
C VAL B 130 -12.24 6.06 13.46
N GLU B 131 -11.73 5.19 12.58
CA GLU B 131 -12.10 3.79 12.52
C GLU B 131 -11.82 3.06 13.84
N ARG B 132 -10.58 3.18 14.35
CA ARG B 132 -10.15 2.52 15.59
C ARG B 132 -10.99 2.95 16.80
N MET B 133 -11.46 4.20 16.79
CA MET B 133 -12.26 4.78 17.88
C MET B 133 -13.77 4.53 17.73
N ASN B 134 -14.17 3.85 16.66
CA ASN B 134 -15.58 3.56 16.38
C ASN B 134 -16.43 4.83 16.19
N TYR B 135 -15.85 5.80 15.51
CA TYR B 135 -16.61 6.97 15.09
C TYR B 135 -16.87 6.87 13.59
N VAL B 136 -17.84 7.66 13.13
CA VAL B 136 -18.13 7.83 11.72
C VAL B 136 -18.04 9.33 11.47
N HIS B 137 -17.58 9.72 10.31
CA HIS B 137 -17.42 11.15 9.99
C HIS B 137 -18.65 11.63 9.30
N ARG B 138 -19.04 10.94 8.22
CA ARG B 138 -20.30 11.17 7.49
C ARG B 138 -20.24 12.32 6.46
N ASP B 139 -19.11 13.01 6.36
CA ASP B 139 -18.97 14.11 5.39
C ASP B 139 -17.52 14.25 4.91
N LEU B 140 -16.89 13.11 4.67
CA LEU B 140 -15.56 13.07 4.16
C LEU B 140 -15.55 13.45 2.69
N ARG B 141 -14.85 14.55 2.41
CA ARG B 141 -14.68 15.05 1.05
C ARG B 141 -13.59 16.14 1.06
N ALA B 142 -13.07 16.48 -0.12
CA ALA B 142 -11.95 17.41 -0.21
C ALA B 142 -12.24 18.80 0.41
N ALA B 143 -13.50 19.24 0.39
CA ALA B 143 -13.88 20.54 1.01
C ALA B 143 -13.72 20.53 2.53
N ASN B 144 -13.63 19.35 3.13
CA ASN B 144 -13.53 19.19 4.57
C ASN B 144 -12.20 18.63 5.00
N ILE B 145 -11.22 18.66 4.10
CA ILE B 145 -9.83 18.43 4.46
C ILE B 145 -9.07 19.73 4.36
N LEU B 146 -8.21 19.99 5.34
CA LEU B 146 -7.41 21.22 5.39
C LEU B 146 -5.93 20.91 5.17
N VAL B 147 -5.23 21.84 4.52
CA VAL B 147 -3.80 21.69 4.18
C VAL B 147 -2.96 22.69 4.97
N GLY B 148 -1.88 22.22 5.57
CA GLY B 148 -0.95 23.09 6.30
C GLY B 148 0.39 23.23 5.58
N GLU B 149 1.42 23.61 6.32
CA GLU B 149 2.75 23.73 5.73
C GLU B 149 3.22 22.35 5.29
N ASN B 150 4.06 22.29 4.26
CA ASN B 150 4.73 21.05 3.83
C ASN B 150 3.75 19.95 3.37
N LEU B 151 2.62 20.36 2.81
CA LEU B 151 1.62 19.45 2.26
C LEU B 151 0.87 18.59 3.30
N VAL B 152 0.95 18.94 4.59
CA VAL B 152 0.22 18.20 5.64
C VAL B 152 -1.27 18.33 5.38
N CYS B 153 -1.98 17.20 5.30
CA CYS B 153 -3.43 17.18 5.17
C CYS B 153 -4.06 16.63 6.44
N LYS B 154 -5.12 17.29 6.89
CA LYS B 154 -5.82 16.86 8.09
C LYS B 154 -7.34 16.86 7.88
N VAL B 155 -8.00 15.84 8.44
CA VAL B 155 -9.44 15.73 8.39
C VAL B 155 -10.03 16.82 9.27
N ALA B 156 -11.07 17.48 8.76
CA ALA B 156 -11.71 18.62 9.42
C ALA B 156 -13.23 18.43 9.46
N ASP B 157 -13.89 19.26 10.26
CA ASP B 157 -15.36 19.43 10.25
C ASP B 157 -16.13 18.16 10.60
N PHE B 158 -16.26 17.95 11.89
CA PHE B 158 -17.04 16.84 12.44
C PHE B 158 -18.42 17.32 12.88
N GLY B 159 -18.99 18.30 12.16
CA GLY B 159 -20.33 18.81 12.46
C GLY B 159 -21.42 17.77 12.46
N LEU B 160 -21.22 16.72 11.64
CA LEU B 160 -22.12 15.59 11.57
C LEU B 160 -21.59 14.30 12.25
N ALA B 161 -20.32 14.29 12.64
CA ALA B 161 -19.69 13.07 13.20
C ALA B 161 -20.33 12.53 14.50
N ARG B 162 -20.45 11.21 14.59
CA ARG B 162 -21.09 10.56 15.75
C ARG B 162 -20.45 9.20 16.07
N LEU B 163 -20.80 8.66 17.24
CA LEU B 163 -20.24 7.39 17.73
C LEU B 163 -21.09 6.23 17.19
N ILE B 164 -20.51 5.45 16.29
CA ILE B 164 -21.22 4.34 15.64
C ILE B 164 -21.46 3.20 16.62
N PRO B 178 -25.35 16.18 -0.16
CA PRO B 178 -23.97 15.84 -0.43
C PRO B 178 -23.95 14.45 -1.05
N ILE B 179 -24.96 14.17 -1.88
CA ILE B 179 -25.20 12.84 -2.41
C ILE B 179 -24.10 12.25 -3.31
N LYS B 180 -23.25 13.08 -3.93
CA LYS B 180 -22.20 12.56 -4.81
C LYS B 180 -21.07 11.93 -3.97
N TRP B 181 -20.96 12.33 -2.71
CA TRP B 181 -19.96 11.77 -1.80
C TRP B 181 -20.48 10.72 -0.85
N THR B 182 -21.80 10.50 -0.86
CA THR B 182 -22.47 9.67 0.12
C THR B 182 -22.78 8.29 -0.47
N ALA B 183 -22.51 7.25 0.30
CA ALA B 183 -22.82 5.90 -0.10
C ALA B 183 -24.33 5.72 -0.17
N PRO B 184 -24.81 4.89 -1.11
CA PRO B 184 -26.24 4.74 -1.30
C PRO B 184 -26.99 4.30 -0.03
N GLU B 185 -26.48 3.29 0.64
CA GLU B 185 -27.16 2.79 1.83
C GLU B 185 -27.36 3.92 2.86
N ALA B 186 -26.44 4.87 2.90
CA ALA B 186 -26.54 6.04 3.79
C ALA B 186 -27.55 7.07 3.28
N ALA B 187 -27.41 7.44 2.01
CA ALA B 187 -28.28 8.44 1.41
C ALA B 187 -29.73 7.96 1.36
N LEU B 188 -29.94 6.66 1.18
CA LEU B 188 -31.30 6.11 1.02
C LEU B 188 -31.97 5.71 2.35
N TYR B 189 -31.26 4.94 3.15
CA TYR B 189 -31.83 4.33 4.35
C TYR B 189 -31.24 4.86 5.66
N GLY B 190 -30.32 5.79 5.58
CA GLY B 190 -29.73 6.39 6.77
C GLY B 190 -28.69 5.52 7.46
N ARG B 191 -28.20 4.48 6.78
CA ARG B 191 -27.18 3.59 7.33
C ARG B 191 -25.77 4.18 7.21
N PHE B 192 -25.42 5.07 8.11
CA PHE B 192 -24.07 5.69 8.10
C PHE B 192 -23.13 4.86 8.98
N THR B 193 -22.02 4.44 8.40
CA THR B 193 -21.06 3.59 9.11
C THR B 193 -19.69 4.02 8.65
N ILE B 194 -18.65 3.42 9.23
CA ILE B 194 -17.30 3.70 8.78
C ILE B 194 -17.13 3.24 7.32
N LYS B 195 -17.95 2.27 6.92
CA LYS B 195 -17.92 1.80 5.53
C LYS B 195 -18.54 2.81 4.55
N SER B 196 -19.52 3.61 4.99
CA SER B 196 -20.00 4.70 4.13
C SER B 196 -18.93 5.84 4.03
N ASP B 197 -18.17 6.06 5.11
CA ASP B 197 -17.00 6.92 5.02
C ASP B 197 -15.98 6.39 3.99
N VAL B 198 -15.80 5.06 3.91
CA VAL B 198 -14.85 4.48 2.93
C VAL B 198 -15.29 4.77 1.51
N TRP B 199 -16.60 4.73 1.27
CA TRP B 199 -17.16 5.14 -0.01
C TRP B 199 -16.78 6.57 -0.34
N SER B 200 -17.00 7.47 0.61
CA SER B 200 -16.67 8.88 0.41
C SER B 200 -15.16 9.02 0.06
N PHE B 201 -14.33 8.17 0.70
CA PHE B 201 -12.89 8.20 0.46
C PHE B 201 -12.56 7.85 -0.97
N GLY B 202 -13.27 6.88 -1.52
CA GLY B 202 -13.19 6.60 -2.95
C GLY B 202 -13.45 7.83 -3.83
N ILE B 203 -14.53 8.56 -3.49
CA ILE B 203 -14.91 9.76 -4.23
C ILE B 203 -13.76 10.80 -4.10
N LEU B 204 -13.24 10.93 -2.89
CA LEU B 204 -12.10 11.82 -2.60
C LEU B 204 -10.88 11.48 -3.47
N LEU B 205 -10.63 10.20 -3.73
CA LEU B 205 -9.51 9.81 -4.58
C LEU B 205 -9.67 10.41 -5.99
N THR B 206 -10.91 10.57 -6.47
CA THR B 206 -11.15 11.13 -7.81
C THR B 206 -10.94 12.65 -7.81
N GLU B 207 -11.33 13.33 -6.72
CA GLU B 207 -11.04 14.76 -6.54
C GLU B 207 -9.54 15.02 -6.61
N LEU B 208 -8.74 14.18 -5.96
CA LEU B 208 -7.28 14.35 -5.96
C LEU B 208 -6.70 14.15 -7.35
N THR B 209 -7.20 13.11 -8.03
CA THR B 209 -6.62 12.70 -9.30
C THR B 209 -7.14 13.54 -10.49
N THR B 210 -8.20 14.32 -10.28
CA THR B 210 -8.73 15.24 -11.33
C THR B 210 -8.48 16.70 -10.99
N LYS B 211 -7.65 16.93 -9.98
CA LYS B 211 -7.37 18.29 -9.51
C LYS B 211 -8.61 19.01 -8.97
N GLY B 212 -9.51 18.28 -8.32
CA GLY B 212 -10.62 18.89 -7.62
C GLY B 212 -11.90 19.06 -8.42
N ARG B 213 -12.02 18.42 -9.59
CA ARG B 213 -13.27 18.52 -10.37
C ARG B 213 -14.40 17.85 -9.62
N VAL B 214 -15.59 18.42 -9.74
CA VAL B 214 -16.78 17.85 -9.10
C VAL B 214 -17.00 16.47 -9.68
N PRO B 215 -17.21 15.45 -8.82
CA PRO B 215 -17.49 14.09 -9.30
C PRO B 215 -18.79 13.93 -10.11
N TYR B 216 -18.81 12.92 -10.99
CA TYR B 216 -19.99 12.62 -11.83
C TYR B 216 -20.32 13.81 -12.73
N PRO B 217 -19.34 14.27 -13.53
CA PRO B 217 -19.53 15.51 -14.29
C PRO B 217 -20.71 15.41 -15.24
N GLY B 218 -21.49 16.50 -15.31
CA GLY B 218 -22.69 16.53 -16.12
C GLY B 218 -23.92 15.79 -15.60
N MET B 219 -23.84 15.23 -14.38
CA MET B 219 -24.98 14.52 -13.79
C MET B 219 -25.52 15.28 -12.57
N VAL B 220 -26.80 15.56 -12.56
CA VAL B 220 -27.44 16.13 -11.38
C VAL B 220 -27.60 15.05 -10.30
N ASN B 221 -28.03 15.44 -9.10
CA ASN B 221 -28.11 14.52 -7.97
C ASN B 221 -29.09 13.37 -8.16
N ARG B 222 -30.29 13.67 -8.66
CA ARG B 222 -31.31 12.65 -8.88
C ARG B 222 -30.80 11.56 -9.83
N GLU B 223 -30.00 11.97 -10.80
CA GLU B 223 -29.49 11.09 -11.81
C GLU B 223 -28.38 10.21 -11.21
N VAL B 224 -27.66 10.72 -10.21
CA VAL B 224 -26.53 10.02 -9.58
C VAL B 224 -26.97 8.84 -8.71
N LEU B 225 -27.99 9.06 -7.86
CA LEU B 225 -28.57 7.99 -7.03
C LEU B 225 -28.99 6.81 -7.88
N ASP B 226 -29.81 7.09 -8.90
CA ASP B 226 -30.27 6.09 -9.89
C ASP B 226 -29.16 5.24 -10.48
N GLN B 227 -28.17 5.93 -11.03
CA GLN B 227 -27.08 5.29 -11.77
C GLN B 227 -26.26 4.39 -10.88
N VAL B 228 -25.86 4.93 -9.73
CA VAL B 228 -25.05 4.17 -8.78
C VAL B 228 -25.76 2.93 -8.23
N GLU B 229 -27.09 3.01 -8.09
CA GLU B 229 -27.89 1.88 -7.63
C GLU B 229 -27.91 0.79 -8.68
N ARG B 230 -27.91 1.22 -9.95
CA ARG B 230 -27.92 0.31 -11.08
C ARG B 230 -26.51 -0.21 -11.44
N GLY B 231 -25.50 0.13 -10.65
CA GLY B 231 -24.16 -0.40 -10.84
C GLY B 231 -23.13 0.54 -11.46
N TYR B 232 -23.56 1.72 -11.90
CA TYR B 232 -22.63 2.70 -12.49
C TYR B 232 -21.56 3.20 -11.48
N ARG B 233 -20.34 3.34 -11.98
CA ARG B 233 -19.19 3.85 -11.22
C ARG B 233 -18.32 4.70 -12.14
N MET B 234 -17.69 5.74 -11.58
CA MET B 234 -16.81 6.60 -12.40
C MET B 234 -15.68 5.80 -13.06
N PRO B 235 -15.29 6.17 -14.29
CA PRO B 235 -14.20 5.51 -15.01
C PRO B 235 -12.87 6.00 -14.53
N CYS B 236 -11.81 5.32 -14.96
CA CYS B 236 -10.44 5.68 -14.62
C CYS B 236 -10.17 7.11 -15.10
N PRO B 237 -9.85 8.04 -14.17
CA PRO B 237 -9.46 9.39 -14.61
C PRO B 237 -8.22 9.41 -15.52
N PRO B 238 -8.18 10.37 -16.48
CA PRO B 238 -7.06 10.48 -17.40
C PRO B 238 -5.69 10.43 -16.69
N GLU B 239 -4.82 9.54 -17.15
CA GLU B 239 -3.45 9.40 -16.62
C GLU B 239 -3.37 8.80 -15.20
N CYS B 240 -4.48 8.38 -14.62
CA CYS B 240 -4.44 7.76 -13.28
C CYS B 240 -4.19 6.27 -13.44
N PRO B 241 -3.23 5.68 -12.70
CA PRO B 241 -3.00 4.24 -12.94
C PRO B 241 -4.25 3.41 -12.67
N GLU B 242 -4.44 2.33 -13.42
CA GLU B 242 -5.61 1.47 -13.25
C GLU B 242 -5.63 0.82 -11.84
N SER B 243 -4.46 0.59 -11.26
CA SER B 243 -4.39 0.04 -9.93
C SER B 243 -5.01 0.99 -8.93
N LEU B 244 -4.90 2.31 -9.15
CA LEU B 244 -5.52 3.28 -8.22
C LEU B 244 -7.02 3.37 -8.45
N HIS B 245 -7.46 3.28 -9.70
CA HIS B 245 -8.90 3.17 -9.99
C HIS B 245 -9.52 1.94 -9.38
N ASP B 246 -8.80 0.82 -9.42
CA ASP B 246 -9.28 -0.41 -8.77
C ASP B 246 -9.51 -0.21 -7.26
N LEU B 247 -8.63 0.53 -6.58
CA LEU B 247 -8.84 0.86 -5.17
C LEU B 247 -10.12 1.68 -5.00
N MET B 248 -10.36 2.62 -5.90
CA MET B 248 -11.61 3.36 -5.88
C MET B 248 -12.83 2.42 -5.97
N CYS B 249 -12.81 1.50 -6.94
CA CYS B 249 -13.91 0.55 -7.14
C CYS B 249 -14.13 -0.39 -5.93
N GLN B 250 -13.06 -0.67 -5.18
CA GLN B 250 -13.17 -1.45 -3.95
C GLN B 250 -13.93 -0.64 -2.89
N CYS B 251 -13.63 0.66 -2.81
CA CYS B 251 -14.34 1.57 -1.92
C CYS B 251 -15.79 1.76 -2.31
N TRP B 252 -16.14 1.46 -3.57
CA TRP B 252 -17.52 1.60 -4.05
C TRP B 252 -18.31 0.31 -4.23
N ARG B 253 -17.89 -0.76 -3.58
CA ARG B 253 -18.68 -2.01 -3.65
C ARG B 253 -20.05 -1.82 -3.03
N LYS B 254 -21.09 -2.26 -3.75
CA LYS B 254 -22.48 -2.14 -3.34
C LYS B 254 -22.71 -2.65 -1.92
N ASP B 255 -22.06 -3.76 -1.62
CA ASP B 255 -22.12 -4.37 -0.32
C ASP B 255 -21.16 -3.68 0.65
N PRO B 256 -21.70 -2.96 1.65
CA PRO B 256 -20.80 -2.15 2.47
C PRO B 256 -19.67 -2.93 3.14
N GLU B 257 -19.94 -4.17 3.56
CA GLU B 257 -18.98 -4.98 4.31
C GLU B 257 -17.87 -5.55 3.44
N GLU B 258 -17.99 -5.39 2.13
CA GLU B 258 -16.95 -5.85 1.20
C GLU B 258 -16.02 -4.68 0.79
N ARG B 259 -16.29 -3.50 1.35
CA ARG B 259 -15.41 -2.34 1.20
C ARG B 259 -14.22 -2.48 2.16
N PRO B 260 -13.01 -2.07 1.71
CA PRO B 260 -11.83 -2.21 2.58
C PRO B 260 -11.85 -1.27 3.76
N THR B 261 -10.99 -1.55 4.74
CA THR B 261 -10.84 -0.69 5.90
C THR B 261 -9.87 0.48 5.64
N PHE B 262 -9.93 1.48 6.51
CA PHE B 262 -9.01 2.60 6.40
C PHE B 262 -7.58 2.14 6.72
N GLU B 263 -7.42 1.25 7.69
CA GLU B 263 -6.13 0.60 7.94
C GLU B 263 -5.52 -0.04 6.67
N TYR B 264 -6.31 -0.82 5.93
CA TYR B 264 -5.86 -1.32 4.62
C TYR B 264 -5.50 -0.18 3.63
N LEU B 265 -6.38 0.79 3.45
CA LEU B 265 -6.14 1.92 2.51
C LEU B 265 -4.90 2.73 2.86
N GLN B 266 -4.73 3.05 4.12
CA GLN B 266 -3.52 3.71 4.60
C GLN B 266 -2.25 3.00 4.14
N ALA B 267 -2.13 1.72 4.46
CA ALA B 267 -0.95 0.90 4.15
C ALA B 267 -0.67 0.78 2.61
N PHE B 268 -1.72 0.62 1.83
CA PHE B 268 -1.64 0.47 0.36
C PHE B 268 -1.15 1.76 -0.26
N LEU B 269 -1.68 2.87 0.25
CA LEU B 269 -1.30 4.19 -0.26
C LEU B 269 0.11 4.55 0.18
N GLU B 270 0.43 4.29 1.43
CA GLU B 270 1.76 4.49 1.97
C GLU B 270 2.81 3.76 1.14
N ASP B 271 2.53 2.50 0.78
CA ASP B 271 3.50 1.64 0.12
C ASP B 271 3.41 1.71 -1.41
N TYR B 272 2.57 2.59 -1.95
CA TYR B 272 2.08 2.50 -3.33
C TYR B 272 3.16 2.38 -4.38
N PHE B 273 4.13 3.28 -4.31
CA PHE B 273 5.14 3.36 -5.36
C PHE B 273 6.21 2.29 -5.31
N THR B 274 6.25 1.48 -4.25
CA THR B 274 7.18 0.34 -4.23
C THR B 274 6.46 -0.96 -4.53
N SER B 275 5.36 -1.19 -3.84
CA SER B 275 4.65 -2.48 -3.88
C SER B 275 3.69 -2.62 -5.08
N THR B 276 3.05 -1.53 -5.50
CA THR B 276 1.92 -1.61 -6.43
C THR B 276 2.29 -1.08 -7.80
N GLU B 277 2.91 0.09 -7.83
CA GLU B 277 3.28 0.74 -9.07
C GLU B 277 4.78 1.17 -9.07
N PRO B 278 5.70 0.18 -9.01
CA PRO B 278 7.13 0.46 -9.03
C PRO B 278 7.67 1.01 -10.38
N GLN B 279 6.91 0.90 -11.45
CA GLN B 279 7.34 1.38 -12.77
C GLN B 279 6.76 2.75 -13.15
N TYR B 280 6.07 3.39 -12.21
CA TYR B 280 5.44 4.69 -12.44
C TYR B 280 6.39 5.71 -13.11
N GLN B 281 5.90 6.42 -14.12
CA GLN B 281 6.65 7.53 -14.75
C GLN B 281 5.78 8.79 -14.76
N PRO B 282 6.37 9.96 -14.44
CA PRO B 282 5.67 11.26 -14.56
C PRO B 282 5.10 11.55 -15.96
N GLY B 283 3.93 12.18 -16.00
CA GLY B 283 3.23 12.54 -17.25
C GLY B 283 2.83 14.01 -17.21
N GLU B 284 2.01 14.44 -18.16
CA GLU B 284 1.68 15.87 -18.25
C GLU B 284 0.95 16.39 -17.02
N ASN B 285 0.00 15.62 -16.50
CA ASN B 285 -0.82 16.07 -15.37
C ASN B 285 -0.70 15.26 -14.10
N LEU B 286 -0.48 13.95 -14.23
CA LEU B 286 -0.26 13.09 -13.08
C LEU B 286 1.05 12.33 -13.24
CAF B5A C . 1.50 -11.19 -11.56
CAD B5A C . 1.66 -10.55 -10.17
NAL B5A C . 2.93 -9.80 -10.11
CAE B5A C . 4.09 -10.70 -10.32
CAG B5A C . 4.02 -11.37 -11.71
CAP B5A C . 2.68 -12.12 -11.89
CAH B5A C . 2.56 -12.69 -13.31
NAQ B5A C . 3.19 -14.02 -13.43
NAK B5A C . 4.36 -14.18 -13.78
CAC B5A C . 4.65 -15.49 -13.82
C5 B5A C . 3.56 -16.15 -13.45
C4 B5A C . 2.60 -15.18 -13.20
N3 B5A C . 1.36 -15.56 -12.78
C2 B5A C . 1.08 -16.84 -12.63
N1 B5A C . 1.98 -17.81 -12.86
C6 B5A C . 3.23 -17.50 -13.27
NAA B5A C . 4.13 -18.47 -13.49
CAF B5A D . -11.68 28.58 4.44
CAD B5A D . -11.93 28.00 3.05
NAL B5A D . -13.24 27.34 3.01
CAE B5A D . -13.25 26.20 3.94
CAG B5A D . -13.09 26.69 5.39
CAP B5A D . -11.80 27.53 5.56
CAH B5A D . -11.80 28.22 6.95
NAQ B5A D . -11.20 27.37 7.99
NAK B5A D . -11.83 26.59 8.71
CAC B5A D . -11.00 25.98 9.57
C5 B5A D . -9.77 26.44 9.32
C4 B5A D . -9.91 27.35 8.28
N3 B5A D . -8.82 27.99 7.81
C2 B5A D . -7.62 27.75 8.33
N1 B5A D . -7.46 26.87 9.33
C6 B5A D . -8.50 26.20 9.85
NAA B5A D . -8.31 25.33 10.84
#